data_3NYV
#
_entry.id   3NYV
#
_cell.length_a   48.272
_cell.length_b   72.297
_cell.length_c   67.174
_cell.angle_alpha   90.000
_cell.angle_beta   103.610
_cell.angle_gamma   90.000
#
_symmetry.space_group_name_H-M   'P 1 21 1'
#
loop_
_entity.id
_entity.type
_entity.pdbx_description
1 polymer 'Calmodulin-domain protein kinase 1'
2 non-polymer 4-[3-HYDROXYANILINO]-6,7-DIMETHOXYQUINAZOLINE
3 water water
#
_entity_poly.entity_id   1
_entity_poly.type   'polypeptide(L)'
_entity_poly.pdbx_seq_one_letter_code
;GPGS(MSE)(MSE)DHLHATPG(MSE)FVQHSTAIFSDRYKGQRVLGKGSFGEVILCKDKITGQECAVKVISKRQVKQKT
DKESLLREVQLLKQLDHPNI(MSE)KLYEFFEDKGYFYLVGEVYTGGELFDEIISRKRFSEVDAARIIRQVLSGITY
(MSE)HKNKIVHRDLKPENLLLESKSKDANIRIIDFGLSTHFEASKK(MSE)KDKIGTAYYIAPEVLHGTYDEKCDVWST
GVILYILLSGCPPFNGANEYDILKKVEKGKYTFELPQWKKVSESAKDLIRK(MSE)LTYVPS(MSE)RISARDALDHEWI
QTYTKEQISVDVPSLDNAILNIRQFQGTQKLAQAALLY(MSE)GSKLTSQDETKELTAIFHK(MSE)DKNGDGQLDRAEL
IEGYKEL(MSE)R(MSE)KGQDAS(MSE)LDASAVEHEVDQVLDAVDFDKNGYIEYSEFVTVA(MSE)DRKTLLSRERLE
RAFR(MSE)FDSDNSGKISSTELATIFGVSDVDSETWKSVLSEVDKNNDGEVDFDEFQQ(MSE)LLKLCGN
;
_entity_poly.pdbx_strand_id   A
#
# COMPACT_ATOMS: atom_id res chain seq x y z
N HIS A 19 8.24 -24.84 -28.69
CA HIS A 19 8.26 -23.44 -28.18
C HIS A 19 7.63 -23.36 -26.78
N SER A 20 8.44 -22.96 -25.79
CA SER A 20 8.09 -23.10 -24.37
C SER A 20 7.80 -21.77 -23.67
N THR A 21 6.77 -21.78 -22.82
CA THR A 21 6.33 -20.58 -22.08
C THR A 21 7.36 -20.12 -21.03
N ALA A 22 7.72 -18.84 -21.06
CA ALA A 22 8.71 -18.31 -20.12
C ALA A 22 8.22 -18.40 -18.68
N ILE A 23 9.12 -18.82 -17.79
CA ILE A 23 8.82 -19.00 -16.36
C ILE A 23 9.54 -17.96 -15.53
N PHE A 24 8.79 -17.28 -14.67
CA PHE A 24 9.30 -16.15 -13.89
C PHE A 24 10.58 -16.53 -13.13
N SER A 25 10.53 -17.64 -12.40
CA SER A 25 11.63 -18.02 -11.52
C SER A 25 12.86 -18.58 -12.24
N ASP A 26 12.72 -18.90 -13.52
CA ASP A 26 13.87 -19.26 -14.34
C ASP A 26 14.74 -18.03 -14.62
N ARG A 27 14.13 -16.82 -14.57
CA ARG A 27 14.83 -15.59 -14.90
C ARG A 27 15.19 -14.74 -13.67
N TYR A 28 14.30 -14.73 -12.66
CA TYR A 28 14.45 -13.83 -11.50
C TYR A 28 14.54 -14.59 -10.19
N LYS A 29 15.40 -14.12 -9.29
CA LYS A 29 15.46 -14.59 -7.90
C LYS A 29 14.94 -13.45 -7.02
N GLY A 30 14.19 -13.80 -5.98
CA GLY A 30 13.72 -12.85 -4.99
C GLY A 30 14.83 -12.42 -4.01
N GLN A 31 14.95 -11.10 -3.79
CA GLN A 31 15.94 -10.51 -2.88
C GLN A 31 15.30 -10.25 -1.53
N ARG A 32 14.17 -9.55 -1.55
CA ARG A 32 13.45 -9.17 -0.33
C ARG A 32 12.09 -8.58 -0.67
N VAL A 33 11.21 -8.52 0.33
CA VAL A 33 9.90 -7.91 0.14
C VAL A 33 10.04 -6.39 0.24
N LEU A 34 9.50 -5.69 -0.74
CA LEU A 34 9.46 -4.22 -0.72
C LEU A 34 8.27 -3.69 0.03
N GLY A 35 7.13 -4.35 -0.14
CA GLY A 35 5.90 -3.94 0.55
C GLY A 35 4.64 -4.41 -0.13
N LYS A 36 3.52 -3.96 0.41
CA LYS A 36 2.21 -4.31 -0.07
C LYS A 36 1.69 -3.17 -0.91
N GLY A 37 1.13 -3.47 -2.08
CA GLY A 37 0.49 -2.45 -2.88
C GLY A 37 -0.86 -2.94 -3.36
N SER A 38 -1.52 -2.14 -4.19
CA SER A 38 -2.77 -2.58 -4.77
C SER A 38 -2.55 -3.91 -5.49
N PHE A 39 -3.46 -4.86 -5.25
CA PHE A 39 -3.54 -6.17 -5.93
C PHE A 39 -2.47 -7.20 -5.55
N GLY A 40 -1.44 -6.83 -4.81
CA GLY A 40 -0.49 -7.83 -4.34
C GLY A 40 0.77 -7.29 -3.70
N GLU A 41 1.57 -8.23 -3.27
CA GLU A 41 2.88 -7.94 -2.67
C GLU A 41 3.88 -7.57 -3.75
N VAL A 42 4.84 -6.73 -3.41
CA VAL A 42 5.90 -6.37 -4.33
C VAL A 42 7.22 -6.85 -3.76
N ILE A 43 7.94 -7.58 -4.58
CA ILE A 43 9.18 -8.22 -4.16
C ILE A 43 10.34 -7.64 -4.97
N LEU A 44 11.45 -7.30 -4.31
CA LEU A 44 12.67 -6.88 -5.01
C LEU A 44 13.33 -8.16 -5.53
N CYS A 45 13.43 -8.25 -6.86
CA CYS A 45 14.07 -9.36 -7.53
C CYS A 45 15.25 -8.96 -8.40
N LYS A 46 16.01 -9.97 -8.79
CA LYS A 46 17.21 -9.80 -9.55
C LYS A 46 17.27 -10.81 -10.69
N ASP A 47 17.56 -10.33 -11.89
CA ASP A 47 17.82 -11.20 -13.05
C ASP A 47 19.01 -12.09 -12.75
N LYS A 48 18.82 -13.39 -12.89
CA LYS A 48 19.86 -14.37 -12.57
C LYS A 48 21.06 -14.37 -13.51
N ILE A 49 20.93 -13.69 -14.67
CA ILE A 49 22.06 -13.58 -15.61
C ILE A 49 22.71 -12.18 -15.55
N THR A 50 21.90 -11.14 -15.72
CA THR A 50 22.39 -9.78 -15.89
C THR A 50 22.55 -8.99 -14.60
N GLY A 51 21.96 -9.50 -13.51
CA GLY A 51 21.96 -8.83 -12.23
C GLY A 51 21.02 -7.63 -12.09
N GLN A 52 20.24 -7.36 -13.12
CA GLN A 52 19.29 -6.22 -13.09
C GLN A 52 18.30 -6.41 -11.94
N GLU A 53 18.16 -5.39 -11.10
CA GLU A 53 17.18 -5.41 -10.02
C GLU A 53 15.87 -4.84 -10.52
N CYS A 54 14.76 -5.43 -10.08
CA CYS A 54 13.43 -4.97 -10.48
CA CYS A 54 13.41 -5.03 -10.50
C CYS A 54 12.46 -5.13 -9.31
N ALA A 55 11.36 -4.41 -9.38
CA ALA A 55 10.27 -4.55 -8.40
C ALA A 55 9.17 -5.37 -9.07
N VAL A 56 8.80 -6.50 -8.47
CA VAL A 56 7.87 -7.43 -9.10
C VAL A 56 6.61 -7.49 -8.24
N LYS A 57 5.50 -7.02 -8.80
CA LYS A 57 4.22 -7.09 -8.14
C LYS A 57 3.65 -8.48 -8.46
N VAL A 58 3.35 -9.22 -7.39
CA VAL A 58 2.89 -10.61 -7.52
C VAL A 58 1.39 -10.60 -7.17
N ILE A 59 0.56 -10.85 -8.17
CA ILE A 59 -0.88 -10.87 -8.02
C ILE A 59 -1.40 -12.31 -7.98
N SER A 60 -2.02 -12.67 -6.87
CA SER A 60 -2.63 -14.01 -6.70
C SER A 60 -4.01 -14.13 -7.31
N LYS A 61 -4.16 -15.09 -8.21
CA LYS A 61 -5.42 -15.33 -8.90
C LYS A 61 -6.55 -15.82 -7.96
N ARG A 62 -6.18 -16.28 -6.76
CA ARG A 62 -7.17 -16.67 -5.76
C ARG A 62 -7.75 -15.47 -5.02
N GLN A 63 -6.99 -14.39 -4.89
CA GLN A 63 -7.41 -13.18 -4.15
C GLN A 63 -7.97 -12.10 -5.07
N VAL A 64 -7.58 -12.13 -6.34
CA VAL A 64 -7.86 -11.03 -7.27
C VAL A 64 -8.43 -11.59 -8.57
N LYS A 65 -9.63 -11.14 -8.91
CA LYS A 65 -10.30 -11.61 -10.10
C LYS A 65 -10.01 -10.66 -11.25
N GLN A 66 -9.92 -11.23 -12.45
CA GLN A 66 -9.74 -10.48 -13.67
C GLN A 66 -11.07 -9.93 -14.16
N LYS A 67 -11.01 -8.70 -14.67
CA LYS A 67 -12.18 -8.01 -15.23
C LYS A 67 -12.28 -8.19 -16.75
N THR A 68 -11.14 -8.43 -17.39
CA THR A 68 -11.07 -8.53 -18.84
C THR A 68 -10.63 -9.95 -19.20
N ASP A 69 -10.65 -10.26 -20.49
CA ASP A 69 -10.10 -11.55 -20.91
C ASP A 69 -8.58 -11.49 -21.07
N LYS A 70 -8.00 -12.68 -21.19
CA LYS A 70 -6.59 -12.86 -21.48
C LYS A 70 -6.08 -11.93 -22.58
N GLU A 71 -6.75 -11.93 -23.72
CA GLU A 71 -6.33 -11.15 -24.91
C GLU A 71 -6.20 -9.65 -24.62
N SER A 72 -7.16 -9.13 -23.84
CA SER A 72 -7.19 -7.71 -23.47
C SER A 72 -6.01 -7.34 -22.55
N LEU A 73 -5.75 -8.20 -21.57
CA LEU A 73 -4.62 -7.98 -20.65
C LEU A 73 -3.30 -8.03 -21.42
N LEU A 74 -3.14 -9.05 -22.27
CA LEU A 74 -1.89 -9.23 -23.00
C LEU A 74 -1.56 -8.00 -23.85
N ARG A 75 -2.57 -7.46 -24.51
CA ARG A 75 -2.39 -6.29 -25.34
C ARG A 75 -2.07 -5.02 -24.55
N GLU A 76 -2.72 -4.85 -23.41
CA GLU A 76 -2.41 -3.75 -22.51
C GLU A 76 -0.96 -3.80 -22.06
N VAL A 77 -0.53 -4.98 -21.63
CA VAL A 77 0.84 -5.20 -21.18
C VAL A 77 1.84 -4.85 -22.29
N GLN A 78 1.55 -5.31 -23.48
CA GLN A 78 2.37 -5.03 -24.63
C GLN A 78 2.48 -3.52 -24.92
N LEU A 79 1.38 -2.78 -24.73
CA LEU A 79 1.39 -1.31 -24.86
C LEU A 79 2.22 -0.71 -23.73
N LEU A 80 1.89 -1.06 -22.49
CA LEU A 80 2.58 -0.50 -21.32
C LEU A 80 4.09 -0.63 -21.41
N LYS A 81 4.56 -1.77 -21.92
CA LYS A 81 5.99 -2.00 -22.09
C LYS A 81 6.69 -1.03 -23.05
N GLN A 82 5.93 -0.45 -23.98
CA GLN A 82 6.47 0.47 -24.98
C GLN A 82 6.37 1.95 -24.60
N LEU A 83 5.62 2.24 -23.56
CA LEU A 83 5.45 3.62 -23.11
C LEU A 83 6.64 4.01 -22.23
N ASP A 84 6.89 5.30 -22.17
CA ASP A 84 8.05 5.83 -21.51
CA ASP A 84 8.07 5.83 -21.51
C ASP A 84 7.81 7.30 -21.19
N HIS A 85 7.83 7.62 -19.91
CA HIS A 85 7.68 8.99 -19.44
C HIS A 85 8.32 9.08 -18.07
N PRO A 86 9.01 10.19 -17.76
CA PRO A 86 9.76 10.29 -16.48
C PRO A 86 8.90 10.23 -15.21
N ASN A 87 7.59 10.46 -15.31
CA ASN A 87 6.73 10.37 -14.14
C ASN A 87 5.81 9.13 -14.11
N ILE A 88 6.12 8.15 -14.94
CA ILE A 88 5.38 6.90 -14.97
C ILE A 88 6.32 5.71 -14.71
N LYS A 90 8.13 2.33 -15.06
CA LYS A 90 8.45 1.52 -16.21
C LYS A 90 8.06 0.07 -15.97
N LEU A 91 7.36 -0.53 -16.93
CA LEU A 91 7.07 -1.99 -16.93
C LEU A 91 8.01 -2.69 -17.92
N TYR A 92 8.76 -3.68 -17.44
CA TYR A 92 9.72 -4.41 -18.31
C TYR A 92 9.15 -5.72 -18.85
N GLU A 93 8.48 -6.48 -17.99
CA GLU A 93 8.09 -7.87 -18.34
C GLU A 93 6.84 -8.28 -17.60
N PHE A 94 6.19 -9.33 -18.11
CA PHE A 94 4.97 -9.81 -17.49
C PHE A 94 4.96 -11.31 -17.66
N PHE A 95 4.59 -12.00 -16.60
CA PHE A 95 4.49 -13.44 -16.60
C PHE A 95 3.17 -13.86 -15.97
N GLU A 96 2.72 -15.05 -16.33
CA GLU A 96 1.54 -15.62 -15.73
C GLU A 96 1.76 -17.10 -15.54
N ASP A 97 1.34 -17.64 -14.42
CA ASP A 97 1.30 -19.09 -14.28
C ASP A 97 -0.03 -19.48 -13.67
N LYS A 98 -0.12 -20.71 -13.19
CA LYS A 98 -1.39 -21.24 -12.73
C LYS A 98 -1.99 -20.43 -11.58
N GLY A 99 -1.14 -19.92 -10.68
CA GLY A 99 -1.64 -19.21 -9.48
C GLY A 99 -1.49 -17.70 -9.44
N TYR A 100 -0.60 -17.14 -10.27
CA TYR A 100 -0.20 -15.74 -10.15
C TYR A 100 0.03 -15.01 -11.46
N PHE A 101 -0.07 -13.69 -11.41
CA PHE A 101 0.54 -12.82 -12.41
C PHE A 101 1.77 -12.17 -11.82
N TYR A 102 2.75 -11.89 -12.66
CA TYR A 102 3.94 -11.21 -12.20
C TYR A 102 4.18 -10.00 -13.08
N LEU A 103 4.17 -8.82 -12.46
CA LEU A 103 4.41 -7.57 -13.15
C LEU A 103 5.80 -7.10 -12.77
N VAL A 104 6.73 -7.15 -13.72
CA VAL A 104 8.14 -6.82 -13.45
C VAL A 104 8.42 -5.40 -13.91
N GLY A 105 8.73 -4.55 -12.95
CA GLY A 105 8.97 -3.13 -13.20
C GLY A 105 10.27 -2.62 -12.61
N GLU A 106 10.55 -1.38 -12.89
CA GLU A 106 11.72 -0.70 -12.37
C GLU A 106 11.47 -0.49 -10.88
N VAL A 107 12.51 -0.61 -10.05
CA VAL A 107 12.35 -0.37 -8.63
CA VAL A 107 12.40 -0.37 -8.60
C VAL A 107 12.64 1.09 -8.30
N TYR A 108 11.83 1.65 -7.42
CA TYR A 108 12.00 3.01 -6.95
C TYR A 108 12.29 3.00 -5.45
N THR A 109 13.29 3.77 -5.04
CA THR A 109 13.87 3.67 -3.71
C THR A 109 13.71 4.93 -2.85
N GLY A 110 13.11 5.99 -3.40
CA GLY A 110 12.92 7.24 -2.67
C GLY A 110 11.73 7.29 -1.74
N GLY A 111 10.92 6.23 -1.75
CA GLY A 111 9.76 6.09 -0.85
C GLY A 111 8.55 6.89 -1.29
N GLU A 112 7.47 6.81 -0.51
CA GLU A 112 6.23 7.49 -0.87
C GLU A 112 6.36 9.01 -0.72
N LEU A 113 5.81 9.74 -1.68
CA LEU A 113 5.78 11.20 -1.62
C LEU A 113 5.47 11.79 -0.23
N PHE A 114 4.33 11.42 0.36
CA PHE A 114 3.93 12.07 1.61
C PHE A 114 4.94 11.84 2.72
N ASP A 115 5.59 10.69 2.69
CA ASP A 115 6.64 10.38 3.66
C ASP A 115 7.87 11.28 3.49
N GLU A 116 8.18 11.69 2.26
CA GLU A 116 9.28 12.62 2.00
C GLU A 116 8.89 14.04 2.45
N ILE A 117 7.65 14.43 2.19
CA ILE A 117 7.14 15.75 2.59
C ILE A 117 7.21 16.01 4.09
N ILE A 118 6.79 15.03 4.90
CA ILE A 118 6.77 15.24 6.35
C ILE A 118 8.20 15.23 6.97
N SER A 119 9.18 14.72 6.23
CA SER A 119 10.58 14.77 6.68
C SER A 119 11.25 16.14 6.45
N ARG A 120 10.52 17.11 5.88
CA ARG A 120 11.06 18.45 5.67
C ARG A 120 10.52 19.39 6.74
N LYS A 121 11.28 20.43 7.03
CA LYS A 121 10.85 21.47 7.97
C LYS A 121 10.11 22.57 7.22
N ARG A 122 10.34 22.65 5.90
CA ARG A 122 9.71 23.65 5.04
C ARG A 122 8.94 23.02 3.86
N PHE A 123 7.77 23.58 3.54
CA PHE A 123 6.93 23.15 2.41
C PHE A 123 6.00 24.28 1.93
N SER A 124 6.18 24.75 0.70
CA SER A 124 5.43 25.92 0.21
C SER A 124 4.59 25.59 -0.99
N GLU A 125 3.79 26.56 -1.45
CA GLU A 125 3.05 26.36 -2.71
C GLU A 125 3.97 26.07 -3.89
N VAL A 126 5.19 26.59 -3.87
CA VAL A 126 6.15 26.24 -4.93
C VAL A 126 6.44 24.76 -4.94
N ASP A 127 6.72 24.19 -3.77
CA ASP A 127 6.95 22.74 -3.68
C ASP A 127 5.73 21.94 -4.14
N ALA A 128 4.52 22.37 -3.74
CA ALA A 128 3.31 21.65 -4.15
C ALA A 128 3.06 21.74 -5.66
N ALA A 129 3.25 22.92 -6.25
CA ALA A 129 3.10 23.09 -7.70
C ALA A 129 4.08 22.21 -8.48
N ARG A 130 5.33 22.12 -8.03
CA ARG A 130 6.29 21.28 -8.74
C ARG A 130 5.91 19.80 -8.64
N ILE A 131 5.41 19.36 -7.49
CA ILE A 131 4.86 18.01 -7.33
C ILE A 131 3.65 17.74 -8.25
N ILE A 132 2.63 18.59 -8.18
CA ILE A 132 1.43 18.44 -9.01
C ILE A 132 1.74 18.54 -10.52
N ARG A 133 2.68 19.40 -10.93
CA ARG A 133 3.06 19.44 -12.35
C ARG A 133 3.51 18.05 -12.83
N GLN A 134 4.33 17.39 -12.04
CA GLN A 134 4.85 16.06 -12.36
C GLN A 134 3.74 15.02 -12.47
N VAL A 135 2.81 15.02 -11.51
CA VAL A 135 1.70 14.10 -11.51
C VAL A 135 0.83 14.37 -12.75
N LEU A 136 0.53 15.64 -13.02
CA LEU A 136 -0.27 16.00 -14.20
C LEU A 136 0.42 15.68 -15.53
N SER A 137 1.74 15.81 -15.55
CA SER A 137 2.52 15.47 -16.71
C SER A 137 2.41 13.97 -17.01
N GLY A 138 2.56 13.15 -15.98
CA GLY A 138 2.41 11.68 -16.15
C GLY A 138 1.01 11.30 -16.59
N ILE A 139 0.01 11.85 -15.89
CA ILE A 139 -1.38 11.60 -16.23
C ILE A 139 -1.72 12.04 -17.68
N THR A 140 -1.31 13.23 -18.06
CA THR A 140 -1.48 13.72 -19.46
C THR A 140 -0.98 12.71 -20.50
N TYR A 141 0.24 12.19 -20.32
CA TYR A 141 0.86 11.22 -21.20
C TYR A 141 0.01 9.94 -21.27
N HIS A 143 -3.16 9.50 -20.54
CA HIS A 143 -4.45 9.76 -21.13
C HIS A 143 -4.38 9.86 -22.67
N LYS A 144 -3.34 10.50 -23.19
CA LYS A 144 -3.09 10.49 -24.64
C LYS A 144 -3.01 9.07 -25.20
N ASN A 145 -2.59 8.15 -24.36
CA ASN A 145 -2.49 6.73 -24.74
C ASN A 145 -3.72 5.90 -24.31
N LYS A 146 -4.79 6.57 -23.92
CA LYS A 146 -6.06 5.94 -23.55
C LYS A 146 -5.94 4.97 -22.37
N ILE A 147 -5.05 5.27 -21.43
CA ILE A 147 -4.90 4.50 -20.21
C ILE A 147 -5.37 5.38 -19.04
N VAL A 148 -6.24 4.80 -18.18
CA VAL A 148 -6.81 5.46 -17.00
C VAL A 148 -6.29 4.78 -15.73
N HIS A 149 -6.05 5.55 -14.67
CA HIS A 149 -5.53 4.93 -13.44
C HIS A 149 -6.72 4.49 -12.57
N ARG A 150 -7.61 5.46 -12.28
CA ARG A 150 -8.81 5.28 -11.46
C ARG A 150 -8.53 5.22 -9.95
N ASP A 151 -7.35 4.73 -9.57
CA ASP A 151 -7.05 4.51 -8.17
C ASP A 151 -5.87 5.35 -7.74
N LEU A 152 -5.71 6.53 -8.35
CA LEU A 152 -4.61 7.40 -7.98
C LEU A 152 -4.75 7.77 -6.49
N LYS A 153 -3.68 7.56 -5.72
CA LYS A 153 -3.64 7.95 -4.33
C LYS A 153 -2.16 8.19 -3.98
N PRO A 154 -1.89 8.82 -2.84
CA PRO A 154 -0.51 9.11 -2.41
C PRO A 154 0.44 7.91 -2.38
N GLU A 155 -0.06 6.73 -1.98
CA GLU A 155 0.75 5.50 -1.98
C GLU A 155 1.21 5.08 -3.38
N ASN A 156 0.54 5.59 -4.42
CA ASN A 156 0.97 5.36 -5.78
C ASN A 156 1.95 6.37 -6.35
N LEU A 157 2.42 7.30 -5.51
CA LEU A 157 3.37 8.31 -5.92
C LEU A 157 4.68 8.04 -5.19
N LEU A 158 5.62 7.44 -5.91
CA LEU A 158 6.92 7.07 -5.33
C LEU A 158 8.01 7.97 -5.89
N LEU A 159 8.93 8.40 -5.04
CA LEU A 159 10.04 9.19 -5.53
C LEU A 159 11.07 8.21 -6.08
N GLU A 160 11.59 8.53 -7.27
CA GLU A 160 12.44 7.59 -8.03
C GLU A 160 13.65 7.10 -7.24
N SER A 161 14.27 8.02 -6.51
CA SER A 161 15.37 7.71 -5.65
C SER A 161 15.38 8.68 -4.47
N LYS A 162 16.39 8.56 -3.63
CA LYS A 162 16.52 9.46 -2.47
C LYS A 162 17.12 10.83 -2.86
N SER A 163 17.48 11.02 -4.12
CA SER A 163 18.13 12.25 -4.57
C SER A 163 17.20 13.47 -4.44
N LYS A 164 17.78 14.56 -3.95
CA LYS A 164 17.08 15.85 -3.76
C LYS A 164 16.03 16.21 -4.84
N ASP A 165 16.41 16.11 -6.12
CA ASP A 165 15.52 16.46 -7.22
C ASP A 165 15.04 15.21 -8.02
N ALA A 166 14.65 14.16 -7.29
CA ALA A 166 14.19 12.92 -7.93
C ALA A 166 12.77 13.10 -8.43
N ASN A 167 12.48 12.48 -9.55
CA ASN A 167 11.15 12.59 -10.10
C ASN A 167 10.15 11.73 -9.33
N ILE A 168 8.89 12.12 -9.37
CA ILE A 168 7.83 11.28 -8.84
C ILE A 168 7.46 10.28 -9.93
N ARG A 169 7.30 9.01 -9.56
CA ARG A 169 6.85 7.96 -10.48
C ARG A 169 5.50 7.44 -10.05
N ILE A 170 4.53 7.54 -10.95
CA ILE A 170 3.19 7.03 -10.66
C ILE A 170 3.20 5.53 -10.98
N ILE A 171 2.80 4.73 -10.01
CA ILE A 171 2.69 3.30 -10.16
C ILE A 171 1.24 2.86 -10.31
N ASP A 172 1.08 1.75 -11.01
CA ASP A 172 -0.20 0.99 -11.16
C ASP A 172 -1.16 1.55 -12.24
N PHE A 173 -0.68 2.41 -13.15
CA PHE A 173 -1.53 2.89 -14.23
C PHE A 173 -2.03 1.70 -15.02
N GLY A 174 -3.34 1.65 -15.23
CA GLY A 174 -3.93 0.66 -16.15
C GLY A 174 -4.32 -0.63 -15.48
N LEU A 175 -3.84 -0.89 -14.26
CA LEU A 175 -4.20 -2.13 -13.58
C LEU A 175 -5.68 -2.26 -13.25
N SER A 176 -6.31 -1.18 -12.81
CA SER A 176 -7.72 -1.25 -12.39
C SER A 176 -8.67 -1.60 -13.53
N THR A 177 -8.23 -1.39 -14.77
CA THR A 177 -9.03 -1.77 -15.93
C THR A 177 -9.10 -3.30 -16.02
N HIS A 178 -8.08 -4.00 -15.50
CA HIS A 178 -7.98 -5.46 -15.67
C HIS A 178 -8.20 -6.30 -14.45
N PHE A 179 -8.04 -5.71 -13.27
CA PHE A 179 -8.17 -6.46 -12.03
C PHE A 179 -9.18 -5.81 -11.08
N GLU A 180 -9.99 -6.66 -10.43
CA GLU A 180 -11.02 -6.20 -9.47
C GLU A 180 -10.42 -5.80 -8.12
N ALA A 181 -10.80 -4.61 -7.67
CA ALA A 181 -10.38 -4.10 -6.36
C ALA A 181 -10.83 -5.02 -5.22
N SER A 182 -9.99 -5.15 -4.20
CA SER A 182 -10.33 -5.97 -3.04
C SER A 182 -11.45 -5.32 -2.29
N LYS A 183 -12.23 -6.14 -1.60
CA LYS A 183 -13.31 -5.67 -0.76
C LYS A 183 -12.89 -5.68 0.71
N LYS A 184 -11.67 -6.14 0.97
CA LYS A 184 -11.15 -6.27 2.33
C LYS A 184 -10.58 -4.93 2.80
N LYS A 186 -8.28 -4.20 4.91
CA LYS A 186 -6.81 -4.12 4.95
C LYS A 186 -6.21 -3.75 3.59
N ASP A 187 -6.99 -3.94 2.52
CA ASP A 187 -6.62 -3.52 1.17
C ASP A 187 -7.19 -2.16 0.78
N LYS A 188 -8.22 -1.69 1.47
CA LYS A 188 -8.92 -0.44 1.08
C LYS A 188 -8.53 0.80 1.87
N ILE A 189 -7.62 0.67 2.84
CA ILE A 189 -7.23 1.81 3.66
C ILE A 189 -6.79 2.93 2.76
N GLY A 190 -7.29 4.13 2.99
CA GLY A 190 -6.89 5.27 2.19
C GLY A 190 -7.70 5.48 0.93
N THR A 191 -8.40 4.47 0.42
CA THR A 191 -8.90 4.57 -0.94
C THR A 191 -10.08 5.54 -1.14
N ALA A 192 -10.97 5.61 -0.15
CA ALA A 192 -12.21 6.37 -0.27
C ALA A 192 -11.98 7.87 -0.45
N TYR A 193 -10.92 8.41 0.12
CA TYR A 193 -10.69 9.88 0.06
C TYR A 193 -10.55 10.39 -1.38
N TYR A 194 -10.04 9.54 -2.27
CA TYR A 194 -9.49 9.95 -3.54
C TYR A 194 -10.34 9.58 -4.74
N ILE A 195 -11.28 8.65 -4.54
CA ILE A 195 -12.05 8.10 -5.63
C ILE A 195 -13.07 9.11 -6.15
N ALA A 196 -13.17 9.21 -7.46
CA ALA A 196 -14.06 10.21 -8.10
C ALA A 196 -15.52 9.75 -7.94
N PRO A 197 -16.46 10.68 -7.78
CA PRO A 197 -17.85 10.28 -7.56
C PRO A 197 -18.42 9.43 -8.70
N GLU A 198 -18.01 9.71 -9.94
CA GLU A 198 -18.52 8.98 -11.10
C GLU A 198 -18.04 7.53 -11.12
N VAL A 199 -16.90 7.27 -10.46
CA VAL A 199 -16.42 5.89 -10.33
C VAL A 199 -17.39 5.11 -9.45
N LEU A 200 -17.91 5.74 -8.40
CA LEU A 200 -18.88 5.08 -7.54
C LEU A 200 -20.15 4.67 -8.26
N HIS A 201 -20.60 5.50 -9.21
CA HIS A 201 -21.86 5.28 -9.89
C HIS A 201 -21.77 4.48 -11.17
N GLY A 202 -20.56 4.30 -11.69
CA GLY A 202 -20.29 3.32 -12.74
C GLY A 202 -19.88 3.81 -14.11
N THR A 203 -20.24 5.05 -14.44
CA THR A 203 -19.88 5.65 -15.72
C THR A 203 -18.69 6.58 -15.49
N TYR A 204 -17.50 6.15 -15.93
CA TYR A 204 -16.33 6.98 -15.72
C TYR A 204 -15.35 6.89 -16.87
N ASP A 205 -14.51 7.89 -16.94
CA ASP A 205 -13.51 8.03 -17.98
C ASP A 205 -12.26 8.66 -17.37
N GLU A 206 -11.34 9.08 -18.23
CA GLU A 206 -10.06 9.58 -17.78
C GLU A 206 -10.13 10.78 -16.81
N LYS A 207 -11.21 11.57 -16.86
CA LYS A 207 -11.37 12.68 -15.92
C LYS A 207 -11.36 12.27 -14.44
N CYS A 208 -11.61 11.00 -14.14
CA CYS A 208 -11.56 10.55 -12.75
C CYS A 208 -10.18 10.76 -12.15
N ASP A 209 -9.15 10.69 -13.00
CA ASP A 209 -7.77 10.89 -12.55
C ASP A 209 -7.47 12.36 -12.16
N VAL A 210 -8.15 13.30 -12.80
CA VAL A 210 -8.02 14.70 -12.47
C VAL A 210 -8.68 14.99 -11.11
N TRP A 211 -9.83 14.38 -10.84
CA TRP A 211 -10.45 14.47 -9.52
C TRP A 211 -9.48 14.01 -8.42
N SER A 212 -8.97 12.79 -8.55
CA SER A 212 -8.07 12.24 -7.58
C SER A 212 -6.86 13.16 -7.34
N THR A 213 -6.30 13.70 -8.42
CA THR A 213 -5.23 14.69 -8.30
C THR A 213 -5.65 15.95 -7.52
N GLY A 214 -6.87 16.40 -7.74
CA GLY A 214 -7.45 17.53 -7.01
C GLY A 214 -7.54 17.27 -5.51
N VAL A 215 -7.88 16.03 -5.14
CA VAL A 215 -7.99 15.66 -3.75
C VAL A 215 -6.58 15.71 -3.12
N ILE A 216 -5.61 15.14 -3.83
CA ILE A 216 -4.23 15.12 -3.40
C ILE A 216 -3.69 16.54 -3.20
N LEU A 217 -3.92 17.42 -4.19
CA LEU A 217 -3.50 18.83 -4.09
C LEU A 217 -4.16 19.54 -2.88
N TYR A 218 -5.45 19.31 -2.67
CA TYR A 218 -6.12 19.87 -1.48
C TYR A 218 -5.40 19.45 -0.21
N ILE A 219 -4.99 18.19 -0.15
CA ILE A 219 -4.27 17.66 1.01
C ILE A 219 -2.87 18.27 1.13
N LEU A 220 -2.15 18.42 0.02
CA LEU A 220 -0.85 19.07 0.05
C LEU A 220 -0.88 20.47 0.66
N LEU A 221 -1.92 21.23 0.33
CA LEU A 221 -2.02 22.64 0.70
C LEU A 221 -2.69 22.89 2.05
N SER A 222 -3.48 21.95 2.56
CA SER A 222 -4.10 22.07 3.89
C SER A 222 -3.77 20.94 4.87
N GLY A 223 -3.31 19.80 4.40
CA GLY A 223 -3.10 18.65 5.28
C GLY A 223 -4.34 17.86 5.70
N CYS A 224 -5.52 18.22 5.18
CA CYS A 224 -6.78 17.55 5.51
C CYS A 224 -7.49 17.07 4.23
N PRO A 225 -8.05 15.86 4.22
CA PRO A 225 -8.86 15.50 3.07
C PRO A 225 -10.08 16.40 2.86
N PRO A 226 -10.44 16.72 1.58
CA PRO A 226 -11.62 17.56 1.39
C PRO A 226 -12.92 16.83 1.72
N PHE A 227 -12.94 15.51 1.53
CA PHE A 227 -14.12 14.69 1.83
C PHE A 227 -13.69 13.74 2.94
N ASN A 228 -14.21 13.92 4.14
CA ASN A 228 -13.80 13.07 5.26
C ASN A 228 -14.99 12.56 6.02
N GLY A 229 -14.74 11.67 6.97
CA GLY A 229 -15.81 11.13 7.79
C GLY A 229 -15.24 10.13 8.78
N ALA A 230 -16.10 9.61 9.65
CA ALA A 230 -15.70 8.79 10.81
C ALA A 230 -15.47 7.32 10.46
N ASN A 231 -15.80 6.95 9.23
CA ASN A 231 -15.63 5.59 8.70
C ASN A 231 -15.72 5.63 7.18
N GLU A 232 -15.51 4.48 6.53
CA GLU A 232 -15.33 4.45 5.11
C GLU A 232 -16.57 4.89 4.36
N TYR A 233 -17.73 4.43 4.83
CA TYR A 233 -18.94 4.74 4.17
C TYR A 233 -19.33 6.20 4.32
N ASP A 234 -19.01 6.78 5.47
CA ASP A 234 -19.26 8.20 5.67
C ASP A 234 -18.38 9.02 4.74
N ILE A 235 -17.14 8.55 4.49
CA ILE A 235 -16.28 9.23 3.51
C ILE A 235 -16.94 9.19 2.12
N LEU A 236 -17.36 8.00 1.70
CA LEU A 236 -17.97 7.81 0.40
C LEU A 236 -19.23 8.66 0.21
N LYS A 237 -20.02 8.81 1.27
CA LYS A 237 -21.22 9.67 1.25
C LYS A 237 -20.84 11.11 0.93
N LYS A 238 -19.78 11.62 1.54
CA LYS A 238 -19.32 12.97 1.30
C LYS A 238 -18.83 13.14 -0.13
N VAL A 239 -18.05 12.17 -0.59
CA VAL A 239 -17.57 12.16 -1.96
C VAL A 239 -18.74 12.25 -2.92
N GLU A 240 -19.73 11.41 -2.70
CA GLU A 240 -20.86 11.32 -3.61
C GLU A 240 -21.67 12.64 -3.60
N LYS A 241 -21.81 13.28 -2.45
CA LYS A 241 -22.41 14.63 -2.38
C LYS A 241 -21.56 15.70 -3.10
N GLY A 242 -20.25 15.52 -3.04
CA GLY A 242 -19.30 16.29 -3.82
C GLY A 242 -19.00 17.70 -3.33
N LYS A 243 -19.52 18.06 -2.15
CA LYS A 243 -19.35 19.40 -1.64
C LYS A 243 -18.15 19.47 -0.70
N TYR A 244 -17.44 20.59 -0.77
CA TYR A 244 -16.26 20.78 0.07
C TYR A 244 -16.13 22.28 0.25
N THR A 245 -15.27 22.70 1.16
CA THR A 245 -15.05 24.12 1.41
C THR A 245 -13.57 24.40 1.65
N PHE A 246 -13.21 25.68 1.55
CA PHE A 246 -11.88 26.12 1.92
C PHE A 246 -11.95 27.01 3.18
N GLU A 247 -12.83 26.70 4.14
CA GLU A 247 -12.99 27.58 5.30
C GLU A 247 -12.03 27.30 6.45
N LEU A 248 -11.18 26.27 6.33
CA LEU A 248 -10.20 25.98 7.37
C LEU A 248 -9.22 27.19 7.51
N PRO A 249 -8.68 27.42 8.73
CA PRO A 249 -7.80 28.60 8.88
C PRO A 249 -6.61 28.57 7.94
N GLN A 250 -6.06 27.38 7.72
CA GLN A 250 -4.84 27.25 6.93
C GLN A 250 -5.02 27.54 5.42
N TRP A 251 -6.26 27.61 4.95
CA TRP A 251 -6.53 28.10 3.59
C TRP A 251 -6.28 29.61 3.41
N LYS A 252 -6.20 30.38 4.51
CA LYS A 252 -5.88 31.81 4.41
C LYS A 252 -4.46 32.04 3.88
N LYS A 253 -3.54 31.16 4.25
CA LYS A 253 -2.17 31.17 3.73
C LYS A 253 -2.02 30.89 2.20
N VAL A 254 -3.09 30.43 1.53
CA VAL A 254 -3.01 29.91 0.17
C VAL A 254 -3.55 30.84 -0.93
N SER A 255 -2.83 30.88 -2.06
CA SER A 255 -3.24 31.69 -3.21
C SER A 255 -4.64 31.38 -3.73
N GLU A 256 -5.27 32.41 -4.30
CA GLU A 256 -6.56 32.26 -4.91
CA GLU A 256 -6.56 32.29 -4.95
C GLU A 256 -6.42 31.35 -6.14
N SER A 257 -5.27 31.42 -6.82
CA SER A 257 -5.07 30.61 -8.01
C SER A 257 -5.02 29.13 -7.68
N ALA A 258 -4.39 28.76 -6.56
CA ALA A 258 -4.38 27.36 -6.13
C ALA A 258 -5.80 26.84 -5.86
N LYS A 259 -6.61 27.65 -5.20
CA LYS A 259 -7.99 27.26 -4.93
C LYS A 259 -8.84 27.18 -6.21
N ASP A 260 -8.57 28.04 -7.19
CA ASP A 260 -9.25 28.03 -8.49
C ASP A 260 -8.97 26.73 -9.19
N LEU A 261 -7.72 26.27 -9.14
CA LEU A 261 -7.35 25.04 -9.84
C LEU A 261 -7.99 23.86 -9.14
N ILE A 262 -7.93 23.85 -7.81
CA ILE A 262 -8.61 22.78 -7.05
C ILE A 262 -10.11 22.71 -7.44
N ARG A 263 -10.78 23.85 -7.45
CA ARG A 263 -12.22 23.89 -7.82
C ARG A 263 -12.45 23.26 -9.18
N LYS A 264 -11.57 23.56 -10.13
CA LYS A 264 -11.70 23.03 -11.48
C LYS A 264 -11.46 21.53 -11.55
N LEU A 266 -11.94 19.46 -8.92
CA LEU A 266 -13.02 18.85 -8.13
C LEU A 266 -14.36 19.32 -8.62
N THR A 267 -14.48 19.55 -9.93
CA THR A 267 -15.77 19.88 -10.56
C THR A 267 -16.54 18.58 -10.67
N TYR A 268 -17.80 18.60 -10.28
CA TYR A 268 -18.55 17.34 -10.10
C TYR A 268 -18.82 16.61 -11.43
N VAL A 269 -19.36 17.34 -12.41
CA VAL A 269 -19.71 16.71 -13.71
C VAL A 269 -18.43 16.58 -14.53
N PRO A 270 -18.03 15.34 -14.89
CA PRO A 270 -16.70 15.20 -15.47
C PRO A 270 -16.52 15.92 -16.79
N SER A 271 -17.56 16.01 -17.61
CA SER A 271 -17.41 16.82 -18.84
C SER A 271 -17.05 18.28 -18.56
N ARG A 273 -15.23 19.23 -15.87
CA ARG A 273 -13.96 19.21 -15.16
C ARG A 273 -12.78 19.42 -16.09
N ILE A 274 -11.77 20.11 -15.58
CA ILE A 274 -10.56 20.40 -16.33
C ILE A 274 -9.83 19.13 -16.71
N SER A 275 -9.29 19.11 -17.92
CA SER A 275 -8.44 17.98 -18.34
C SER A 275 -7.10 18.09 -17.65
N ALA A 276 -6.34 17.00 -17.67
CA ALA A 276 -5.01 17.01 -17.06
C ALA A 276 -4.14 17.99 -17.83
N ARG A 277 -4.26 17.98 -19.16
CA ARG A 277 -3.37 18.77 -20.01
C ARG A 277 -3.65 20.25 -19.83
N ASP A 278 -4.93 20.60 -19.73
CA ASP A 278 -5.32 21.99 -19.46
C ASP A 278 -4.91 22.47 -18.08
N ALA A 279 -4.91 21.56 -17.10
CA ALA A 279 -4.48 21.90 -15.74
C ALA A 279 -3.00 22.28 -15.73
N LEU A 280 -2.19 21.67 -16.61
CA LEU A 280 -0.76 22.09 -16.80
C LEU A 280 -0.59 23.53 -17.29
N ASP A 281 -1.59 24.05 -18.00
CA ASP A 281 -1.55 25.45 -18.41
C ASP A 281 -2.16 26.41 -17.40
N HIS A 282 -2.61 25.92 -16.25
CA HIS A 282 -3.31 26.75 -15.28
C HIS A 282 -2.35 27.75 -14.65
N GLU A 283 -2.83 28.98 -14.51
CA GLU A 283 -2.05 30.06 -13.87
C GLU A 283 -1.23 29.59 -12.69
N TRP A 284 -1.82 28.80 -11.80
CA TRP A 284 -1.14 28.36 -10.59
C TRP A 284 0.09 27.52 -10.88
N ILE A 285 -0.02 26.58 -11.81
CA ILE A 285 1.12 25.77 -12.19
C ILE A 285 2.18 26.64 -12.88
N GLN A 286 1.74 27.53 -13.76
CA GLN A 286 2.66 28.38 -14.51
C GLN A 286 3.45 29.33 -13.60
N THR A 287 2.77 29.94 -12.64
CA THR A 287 3.41 30.86 -11.70
C THR A 287 4.34 30.15 -10.72
N TYR A 288 3.81 29.15 -10.02
CA TYR A 288 4.54 28.55 -8.88
C TYR A 288 5.62 27.54 -9.23
N THR A 289 5.67 27.10 -10.48
CA THR A 289 6.74 26.18 -10.92
C THR A 289 7.89 26.88 -11.66
N LYS A 290 7.91 28.21 -11.69
CA LYS A 290 9.10 28.90 -12.21
C LYS A 290 10.20 29.04 -11.16
N ASP A 296 9.19 36.21 -1.95
CA ASP A 296 9.23 34.91 -1.28
C ASP A 296 7.83 34.31 -1.15
N VAL A 297 7.79 32.98 -1.02
CA VAL A 297 6.58 32.24 -0.77
C VAL A 297 6.68 31.67 0.66
N PRO A 298 5.65 31.85 1.50
CA PRO A 298 5.73 31.37 2.89
C PRO A 298 5.64 29.86 2.99
N SER A 299 6.14 29.30 4.10
CA SER A 299 6.01 27.88 4.33
C SER A 299 4.61 27.57 4.84
N LEU A 300 4.05 26.44 4.41
CA LEU A 300 2.74 26.00 4.86
C LEU A 300 2.90 25.08 6.09
N ASP A 301 3.23 25.66 7.23
CA ASP A 301 3.62 24.87 8.41
C ASP A 301 2.47 24.09 9.02
N ASN A 302 1.29 24.70 9.05
CA ASN A 302 0.11 24.00 9.55
C ASN A 302 -0.25 22.81 8.65
N ALA A 303 -0.06 22.95 7.35
CA ALA A 303 -0.34 21.88 6.43
C ALA A 303 0.59 20.68 6.70
N ILE A 304 1.90 20.95 6.89
CA ILE A 304 2.89 19.90 7.15
C ILE A 304 2.53 19.18 8.45
N LEU A 305 2.11 19.94 9.46
CA LEU A 305 1.68 19.37 10.72
C LEU A 305 0.51 18.43 10.51
N ASN A 306 -0.48 18.88 9.74
CA ASN A 306 -1.68 18.08 9.50
C ASN A 306 -1.36 16.84 8.66
N ILE A 307 -0.50 16.97 7.64
CA ILE A 307 -0.08 15.81 6.84
C ILE A 307 0.66 14.78 7.67
N ARG A 308 1.55 15.23 8.54
CA ARG A 308 2.28 14.30 9.40
C ARG A 308 1.30 13.48 10.26
N GLN A 309 0.27 14.13 10.78
CA GLN A 309 -0.78 13.47 11.58
C GLN A 309 -1.61 12.50 10.76
N PHE A 310 -2.04 12.96 9.57
CA PHE A 310 -2.79 12.15 8.62
C PHE A 310 -2.02 10.87 8.28
N GLN A 311 -0.75 11.02 7.95
CA GLN A 311 0.07 9.91 7.53
C GLN A 311 0.30 8.92 8.68
N GLY A 312 0.60 9.43 9.86
CA GLY A 312 0.75 8.59 11.03
C GLY A 312 -0.48 7.74 11.32
N THR A 313 -1.65 8.34 11.23
CA THR A 313 -2.91 7.65 11.48
C THR A 313 -3.20 6.61 10.43
N GLN A 314 -3.01 6.98 9.16
CA GLN A 314 -3.21 6.02 8.07
C GLN A 314 -2.28 4.82 8.24
N LYS A 315 -1.01 5.10 8.55
CA LYS A 315 -0.04 4.03 8.71
C LYS A 315 -0.35 3.10 9.89
N LEU A 316 -0.81 3.65 11.03
CA LEU A 316 -1.13 2.79 12.17
C LEU A 316 -2.39 1.93 11.92
N ALA A 317 -3.42 2.52 11.33
CA ALA A 317 -4.60 1.74 10.94
C ALA A 317 -4.22 0.56 10.04
N GLN A 318 -3.44 0.85 9.00
CA GLN A 318 -2.96 -0.18 8.12
C GLN A 318 -2.19 -1.29 8.86
N ALA A 319 -1.28 -0.88 9.74
CA ALA A 319 -0.47 -1.79 10.55
C ALA A 319 -1.36 -2.64 11.45
N ALA A 320 -2.41 -2.03 12.03
CA ALA A 320 -3.39 -2.76 12.86
C ALA A 320 -4.09 -3.88 12.09
N LEU A 321 -4.55 -3.55 10.89
CA LEU A 321 -5.25 -4.53 10.05
C LEU A 321 -4.32 -5.65 9.58
N LEU A 322 -3.08 -5.32 9.26
CA LEU A 322 -2.10 -6.33 8.82
C LEU A 322 -1.68 -7.24 9.96
N TYR A 323 -1.54 -6.69 11.17
CA TYR A 323 -1.31 -7.47 12.37
C TYR A 323 -2.39 -8.50 12.62
N GLY A 325 -4.53 -9.64 10.41
CA GLY A 325 -4.42 -10.59 9.25
C GLY A 325 -3.31 -11.59 9.47
N SER A 326 -2.18 -11.12 9.99
CA SER A 326 -1.03 -12.02 10.28
C SER A 326 -1.36 -13.01 11.37
N LYS A 327 -2.07 -12.61 12.42
CA LYS A 327 -2.48 -13.57 13.43
C LYS A 327 -3.41 -14.65 12.83
N LEU A 328 -4.39 -14.23 12.04
CA LEU A 328 -5.30 -15.17 11.39
C LEU A 328 -4.56 -16.14 10.43
N THR A 329 -3.64 -15.61 9.62
CA THR A 329 -2.82 -16.45 8.73
C THR A 329 -2.02 -17.45 9.54
N SER A 330 -1.47 -17.02 10.68
CA SER A 330 -0.77 -17.98 11.55
C SER A 330 -1.64 -19.11 12.13
N GLN A 331 -2.87 -18.79 12.53
CA GLN A 331 -3.80 -19.81 13.04
C GLN A 331 -4.05 -20.82 11.94
N ASP A 332 -4.20 -20.33 10.71
CA ASP A 332 -4.47 -21.18 9.56
C ASP A 332 -3.23 -22.05 9.23
N GLU A 333 -2.09 -21.40 8.98
CA GLU A 333 -0.86 -22.08 8.57
C GLU A 333 -0.23 -23.02 9.61
N THR A 334 -0.38 -22.71 10.90
CA THR A 334 0.32 -23.50 11.92
C THR A 334 -0.26 -24.92 11.95
N LYS A 335 -1.58 -24.98 11.92
CA LYS A 335 -2.27 -26.25 11.99
C LYS A 335 -2.13 -26.97 10.65
N GLU A 336 -2.14 -26.25 9.52
CA GLU A 336 -1.93 -26.91 8.23
C GLU A 336 -0.53 -27.55 8.18
N LEU A 337 0.50 -26.79 8.53
CA LEU A 337 1.87 -27.32 8.50
C LEU A 337 2.03 -28.58 9.39
N THR A 338 1.45 -28.53 10.59
CA THR A 338 1.40 -29.70 11.48
C THR A 338 0.72 -30.94 10.88
N ALA A 339 -0.44 -30.76 10.24
CA ALA A 339 -1.16 -31.90 9.61
C ALA A 339 -0.36 -32.46 8.43
N ILE A 340 0.29 -31.57 7.69
CA ILE A 340 1.11 -31.98 6.55
C ILE A 340 2.24 -32.91 7.01
N PHE A 341 2.96 -32.47 8.04
CA PHE A 341 4.08 -33.25 8.56
C PHE A 341 3.61 -34.52 9.26
N HIS A 342 2.50 -34.44 10.00
CA HIS A 342 1.88 -35.64 10.60
C HIS A 342 1.62 -36.72 9.55
N LYS A 343 1.06 -36.31 8.41
CA LYS A 343 0.86 -37.24 7.28
C LYS A 343 2.19 -37.83 6.75
N ASP A 345 5.05 -38.23 8.35
CA ASP A 345 5.71 -39.03 9.38
C ASP A 345 5.04 -40.42 9.42
N LYS A 346 5.41 -41.26 8.46
CA LYS A 346 4.72 -42.52 8.20
C LYS A 346 4.73 -43.52 9.34
N ASN A 347 5.82 -43.58 10.10
CA ASN A 347 5.84 -44.48 11.26
C ASN A 347 5.53 -43.73 12.56
N GLY A 348 5.12 -42.47 12.43
CA GLY A 348 4.56 -41.70 13.56
C GLY A 348 5.46 -41.44 14.76
N ASP A 349 6.77 -41.35 14.55
CA ASP A 349 7.71 -41.07 15.66
C ASP A 349 8.01 -39.58 15.85
N GLY A 350 7.53 -38.74 14.93
CA GLY A 350 7.67 -37.29 15.04
C GLY A 350 8.91 -36.71 14.37
N GLN A 351 9.68 -37.51 13.63
CA GLN A 351 10.97 -37.11 13.06
C GLN A 351 10.98 -37.11 11.53
N LEU A 352 11.41 -35.98 10.95
CA LEU A 352 11.55 -35.84 9.51
C LEU A 352 12.91 -35.25 9.24
N ASP A 353 13.44 -35.50 8.05
CA ASP A 353 14.73 -34.93 7.69
C ASP A 353 14.48 -33.59 7.00
N ARG A 354 15.57 -32.90 6.70
CA ARG A 354 15.49 -31.56 6.18
C ARG A 354 14.78 -31.55 4.83
N ALA A 355 15.09 -32.55 3.98
CA ALA A 355 14.46 -32.60 2.64
C ALA A 355 12.96 -32.73 2.79
N GLU A 356 12.54 -33.46 3.82
CA GLU A 356 11.10 -33.60 4.12
C GLU A 356 10.49 -32.29 4.63
N LEU A 357 11.17 -31.62 5.57
CA LEU A 357 10.67 -30.32 6.06
C LEU A 357 10.47 -29.34 4.91
N ILE A 358 11.40 -29.36 3.96
CA ILE A 358 11.31 -28.53 2.76
C ILE A 358 10.09 -28.89 1.90
N GLU A 359 9.87 -30.19 1.70
CA GLU A 359 8.74 -30.69 0.89
C GLU A 359 7.39 -30.33 1.53
N GLY A 360 7.32 -30.43 2.86
CA GLY A 360 6.13 -30.02 3.59
C GLY A 360 5.89 -28.54 3.58
N TYR A 361 6.95 -27.75 3.78
CA TYR A 361 6.87 -26.29 3.72
C TYR A 361 6.44 -25.87 2.31
N LYS A 362 6.94 -26.60 1.31
CA LYS A 362 6.52 -26.42 -0.09
C LYS A 362 5.05 -26.72 -0.29
N GLU A 363 4.58 -27.84 0.26
CA GLU A 363 3.15 -28.21 0.18
C GLU A 363 2.31 -27.15 0.85
N LEU A 364 2.83 -26.56 1.92
CA LEU A 364 2.13 -25.48 2.59
C LEU A 364 1.96 -24.25 1.69
N ARG A 366 2.23 -23.85 -1.33
CA ARG A 366 1.31 -24.27 -2.41
C ARG A 366 -0.14 -23.88 -2.12
N ASP A 371 2.53 -15.50 0.93
CA ASP A 371 3.95 -15.13 0.95
C ASP A 371 4.59 -15.21 -0.45
N ALA A 372 4.48 -14.10 -1.18
CA ALA A 372 5.06 -14.00 -2.53
C ALA A 372 6.57 -14.28 -2.56
N SER A 373 7.26 -14.09 -1.44
CA SER A 373 8.72 -14.33 -1.40
C SER A 373 9.11 -15.81 -1.31
N LEU A 375 7.81 -18.42 -3.35
CA LEU A 375 7.26 -19.07 -4.55
C LEU A 375 8.38 -19.51 -5.48
N ASP A 376 9.32 -20.22 -4.89
CA ASP A 376 10.47 -20.78 -5.59
C ASP A 376 11.05 -21.85 -4.66
N ALA A 377 11.43 -23.00 -5.21
CA ALA A 377 11.98 -24.09 -4.41
C ALA A 377 13.23 -23.64 -3.63
N SER A 378 14.14 -22.91 -4.29
CA SER A 378 15.37 -22.41 -3.63
C SER A 378 15.10 -21.43 -2.49
N ALA A 379 14.11 -20.54 -2.63
CA ALA A 379 13.73 -19.65 -1.51
C ALA A 379 13.19 -20.44 -0.30
N VAL A 380 12.46 -21.51 -0.57
CA VAL A 380 11.92 -22.33 0.51
C VAL A 380 13.02 -23.09 1.23
N GLU A 381 13.94 -23.68 0.47
CA GLU A 381 15.12 -24.33 1.04
C GLU A 381 15.83 -23.36 1.98
N HIS A 382 16.04 -22.14 1.48
CA HIS A 382 16.78 -21.13 2.24
C HIS A 382 16.06 -20.80 3.54
N GLU A 383 14.73 -20.67 3.49
CA GLU A 383 13.93 -20.35 4.68
C GLU A 383 13.94 -21.48 5.72
N VAL A 384 13.89 -22.71 5.26
CA VAL A 384 13.94 -23.84 6.18
C VAL A 384 15.29 -23.79 6.90
N ASP A 385 16.38 -23.56 6.17
CA ASP A 385 17.70 -23.47 6.78
C ASP A 385 17.80 -22.33 7.80
N GLN A 386 17.14 -21.20 7.55
CA GLN A 386 17.10 -20.12 8.53
C GLN A 386 16.40 -20.56 9.83
N VAL A 387 15.28 -21.28 9.71
CA VAL A 387 14.55 -21.77 10.89
C VAL A 387 15.40 -22.79 11.66
N LEU A 388 16.00 -23.74 10.96
CA LEU A 388 16.84 -24.76 11.60
C LEU A 388 18.02 -24.11 12.35
N ASP A 389 18.68 -23.14 11.70
CA ASP A 389 19.80 -22.44 12.32
C ASP A 389 19.36 -21.63 13.53
N ALA A 390 18.14 -21.08 13.48
CA ALA A 390 17.60 -20.30 14.62
C ALA A 390 17.64 -21.10 15.91
N VAL A 391 17.23 -22.37 15.83
CA VAL A 391 17.09 -23.24 17.00
C VAL A 391 18.32 -24.16 17.23
N ASP A 392 19.33 -24.04 16.38
CA ASP A 392 20.49 -24.95 16.36
C ASP A 392 20.08 -26.42 16.23
N PHE A 393 19.14 -26.69 15.33
CA PHE A 393 18.90 -28.06 14.89
C PHE A 393 19.94 -28.40 13.84
N ASP A 394 20.56 -29.56 13.94
CA ASP A 394 21.49 -30.00 12.91
C ASP A 394 20.73 -30.30 11.61
N LYS A 395 21.19 -29.70 10.52
CA LYS A 395 20.48 -29.78 9.26
C LYS A 395 20.61 -31.14 8.56
N ASN A 396 21.60 -31.94 8.95
CA ASN A 396 21.90 -33.16 8.22
C ASN A 396 21.37 -34.45 8.81
N GLY A 397 20.73 -34.38 9.98
CA GLY A 397 20.07 -35.51 10.59
C GLY A 397 18.55 -35.40 10.52
N TYR A 398 17.88 -36.20 11.35
CA TYR A 398 16.43 -36.18 11.47
C TYR A 398 16.05 -35.22 12.57
N ILE A 399 14.92 -34.53 12.38
CA ILE A 399 14.53 -33.36 13.18
C ILE A 399 13.12 -33.56 13.73
N GLU A 400 12.92 -33.17 14.99
CA GLU A 400 11.59 -33.15 15.61
C GLU A 400 10.74 -32.10 14.94
N TYR A 401 9.81 -32.53 14.09
CA TYR A 401 9.10 -31.56 13.25
C TYR A 401 8.20 -30.59 14.02
N SER A 402 7.54 -31.04 15.08
CA SER A 402 6.72 -30.13 15.86
C SER A 402 7.55 -28.94 16.39
N GLU A 403 8.83 -29.14 16.66
CA GLU A 403 9.70 -28.03 17.07
C GLU A 403 10.01 -27.08 15.92
N PHE A 404 10.24 -27.63 14.74
CA PHE A 404 10.42 -26.80 13.54
C PHE A 404 9.19 -25.91 13.32
N VAL A 405 8.00 -26.51 13.35
CA VAL A 405 6.76 -25.74 13.15
C VAL A 405 6.68 -24.60 14.19
N THR A 406 6.88 -24.92 15.47
CA THR A 406 6.79 -23.90 16.51
C THR A 406 7.77 -22.75 16.20
N VAL A 407 9.02 -23.08 15.90
CA VAL A 407 10.01 -22.06 15.64
C VAL A 407 9.66 -21.23 14.42
N ALA A 408 9.28 -21.87 13.31
CA ALA A 408 8.99 -21.14 12.09
C ALA A 408 7.78 -20.22 12.24
N ASP A 410 6.66 -19.07 15.40
CA ASP A 410 7.03 -18.05 16.40
C ASP A 410 7.86 -16.92 15.82
N ARG A 411 8.81 -17.25 14.94
CA ARG A 411 9.53 -16.22 14.16
C ARG A 411 8.56 -15.23 13.50
N LYS A 412 7.56 -15.76 12.83
CA LYS A 412 6.63 -14.92 12.09
C LYS A 412 5.73 -14.09 13.04
N THR A 413 5.30 -14.72 14.13
CA THR A 413 4.53 -14.01 15.15
C THR A 413 5.38 -12.90 15.77
N LEU A 414 6.67 -13.17 15.95
CA LEU A 414 7.58 -12.16 16.51
C LEU A 414 7.72 -11.00 15.52
N LEU A 415 7.86 -11.31 14.24
CA LEU A 415 8.04 -10.30 13.20
C LEU A 415 6.85 -9.39 13.10
N SER A 416 5.66 -9.97 13.16
CA SER A 416 4.43 -9.24 13.06
C SER A 416 4.27 -8.30 14.25
N ARG A 417 4.62 -8.78 15.44
CA ARG A 417 4.52 -7.97 16.66
C ARG A 417 5.46 -6.74 16.54
N GLU A 418 6.68 -6.98 16.08
CA GLU A 418 7.65 -5.90 15.86
C GLU A 418 7.21 -4.85 14.82
N ARG A 419 6.53 -5.24 13.75
CA ARG A 419 6.06 -4.25 12.75
C ARG A 419 4.95 -3.35 13.33
N LEU A 420 4.07 -3.96 14.10
CA LEU A 420 3.00 -3.20 14.72
C LEU A 420 3.58 -2.17 15.71
N GLU A 421 4.54 -2.60 16.50
CA GLU A 421 5.15 -1.76 17.49
C GLU A 421 5.82 -0.54 16.86
N ARG A 422 6.59 -0.75 15.78
CA ARG A 422 7.21 0.38 15.09
C ARG A 422 6.18 1.41 14.70
N ALA A 423 5.04 0.97 14.20
CA ALA A 423 3.99 1.88 13.79
C ALA A 423 3.30 2.58 14.97
N PHE A 424 3.17 1.88 16.10
CA PHE A 424 2.63 2.47 17.34
C PHE A 424 3.56 3.59 17.84
N ARG A 425 4.86 3.30 17.89
CA ARG A 425 5.88 4.30 18.28
C ARG A 425 5.88 5.51 17.32
N PHE A 427 3.36 6.72 15.60
CA PHE A 427 2.13 7.48 15.80
C PHE A 427 2.16 8.32 17.08
N ASP A 428 2.81 7.76 18.11
CA ASP A 428 2.93 8.38 19.41
C ASP A 428 4.05 9.43 19.33
N SER A 429 3.80 10.52 18.60
CA SER A 429 4.88 11.48 18.30
C SER A 429 5.43 12.26 19.52
N ASP A 430 4.66 12.40 20.59
CA ASP A 430 5.12 12.99 21.87
C ASP A 430 5.80 11.99 22.83
N ASN A 431 5.98 10.76 22.38
CA ASN A 431 6.61 9.74 23.20
C ASN A 431 5.93 9.54 24.59
N SER A 432 4.59 9.61 24.59
CA SER A 432 3.79 9.47 25.81
C SER A 432 3.72 8.02 26.26
N GLY A 433 3.92 7.11 25.31
CA GLY A 433 3.72 5.71 25.60
C GLY A 433 2.27 5.26 25.45
N LYS A 434 1.36 6.18 25.12
CA LYS A 434 -0.07 5.92 25.19
C LYS A 434 -0.76 6.43 23.94
N ILE A 435 -1.90 5.81 23.65
CA ILE A 435 -2.87 6.31 22.63
C ILE A 435 -4.16 6.58 23.38
N SER A 436 -4.69 7.80 23.25
CA SER A 436 -5.93 8.16 23.93
C SER A 436 -7.18 7.52 23.32
N SER A 437 -8.28 7.62 24.05
CA SER A 437 -9.56 7.11 23.57
C SER A 437 -9.98 7.81 22.28
N THR A 438 -9.77 9.12 22.21
CA THR A 438 -10.08 9.89 21.00
C THR A 438 -9.24 9.46 19.80
N GLU A 439 -7.96 9.19 20.05
CA GLU A 439 -7.05 8.70 19.01
C GLU A 439 -7.47 7.30 18.55
N LEU A 440 -7.89 6.43 19.47
CA LEU A 440 -8.39 5.11 19.08
C LEU A 440 -9.61 5.22 18.17
N ALA A 441 -10.51 6.14 18.51
CA ALA A 441 -11.69 6.40 17.70
C ALA A 441 -11.30 6.75 16.24
N THR A 442 -10.29 7.61 16.08
CA THR A 442 -9.79 7.96 14.75
C THR A 442 -9.16 6.77 14.02
N ILE A 443 -8.27 6.06 14.71
CA ILE A 443 -7.60 4.88 14.15
C ILE A 443 -8.59 3.78 13.71
N PHE A 444 -9.48 3.35 14.59
CA PHE A 444 -10.45 2.33 14.25
C PHE A 444 -11.46 2.81 13.20
N GLY A 445 -11.78 4.10 13.19
CA GLY A 445 -12.62 4.63 12.12
C GLY A 445 -11.97 4.46 10.75
N VAL A 446 -10.69 4.80 10.65
CA VAL A 446 -9.91 4.64 9.42
C VAL A 446 -9.85 3.16 9.05
N SER A 447 -9.64 2.31 10.07
CA SER A 447 -9.64 0.84 9.95
C SER A 447 -11.01 0.24 9.71
N ASP A 448 -12.03 1.10 9.73
CA ASP A 448 -13.43 0.73 9.60
C ASP A 448 -13.88 -0.37 10.56
N VAL A 449 -13.27 -0.42 11.75
CA VAL A 449 -13.71 -1.30 12.83
C VAL A 449 -14.90 -0.64 13.52
N ASP A 450 -15.99 -1.38 13.57
CA ASP A 450 -17.23 -0.92 14.17
C ASP A 450 -17.05 -0.27 15.56
N SER A 451 -17.66 0.89 15.75
CA SER A 451 -17.45 1.70 16.95
C SER A 451 -17.87 1.02 18.27
N GLU A 452 -19.07 0.49 18.36
CA GLU A 452 -19.44 -0.21 19.59
C GLU A 452 -18.58 -1.47 19.79
N THR A 453 -18.00 -2.00 18.72
CA THR A 453 -17.18 -3.20 18.81
C THR A 453 -15.84 -2.86 19.43
N TRP A 454 -15.14 -1.86 18.90
CA TRP A 454 -13.83 -1.51 19.50
C TRP A 454 -14.06 -0.93 20.90
N LYS A 455 -15.10 -0.13 21.07
CA LYS A 455 -15.42 0.42 22.41
C LYS A 455 -15.64 -0.68 23.43
N SER A 456 -16.37 -1.73 23.04
CA SER A 456 -16.55 -2.92 23.87
C SER A 456 -15.22 -3.58 24.26
N VAL A 457 -14.33 -3.78 23.29
CA VAL A 457 -13.03 -4.37 23.54
C VAL A 457 -12.17 -3.43 24.42
N LEU A 458 -12.23 -2.11 24.19
CA LEU A 458 -11.56 -1.14 25.10
C LEU A 458 -12.06 -1.21 26.55
N SER A 459 -13.35 -1.47 26.74
CA SER A 459 -13.91 -1.61 28.09
C SER A 459 -13.41 -2.87 28.80
N GLU A 460 -13.17 -3.94 28.05
CA GLU A 460 -12.55 -5.15 28.60
C GLU A 460 -11.10 -4.91 28.99
N VAL A 461 -10.36 -4.16 28.16
CA VAL A 461 -8.93 -4.01 28.34
C VAL A 461 -8.63 -2.93 29.36
N ASP A 462 -9.26 -1.76 29.21
CA ASP A 462 -9.08 -0.61 30.09
C ASP A 462 -10.01 -0.68 31.33
N LYS A 463 -9.72 -1.60 32.24
CA LYS A 463 -10.53 -1.78 33.48
C LYS A 463 -10.50 -0.59 34.47
N ASN A 464 -9.63 0.39 34.23
CA ASN A 464 -9.50 1.54 35.13
C ASN A 464 -10.03 2.88 34.64
N ASN A 465 -10.70 2.87 33.49
CA ASN A 465 -11.20 4.10 32.86
C ASN A 465 -10.11 5.15 32.73
N ASP A 466 -8.89 4.71 32.39
CA ASP A 466 -7.81 5.67 32.16
C ASP A 466 -8.10 6.41 30.86
N GLY A 467 -8.88 5.80 29.97
CA GLY A 467 -9.16 6.38 28.65
C GLY A 467 -7.96 6.46 27.72
N GLU A 468 -7.02 5.54 27.90
CA GLU A 468 -5.84 5.47 27.05
C GLU A 468 -5.30 4.06 27.20
N VAL A 469 -4.50 3.64 26.22
CA VAL A 469 -3.87 2.32 26.19
C VAL A 469 -2.39 2.45 25.86
N ASP A 470 -1.56 1.62 26.48
CA ASP A 470 -0.17 1.48 26.05
C ASP A 470 -0.06 0.50 24.90
N PHE A 471 1.17 0.23 24.47
CA PHE A 471 1.33 -0.63 23.32
C PHE A 471 0.76 -2.02 23.56
N ASP A 472 1.07 -2.61 24.70
CA ASP A 472 0.64 -3.99 24.92
C ASP A 472 -0.86 -4.08 24.97
N GLU A 473 -1.47 -3.11 25.62
CA GLU A 473 -2.93 -3.09 25.72
C GLU A 473 -3.55 -2.96 24.31
N PHE A 474 -2.98 -2.09 23.47
CA PHE A 474 -3.45 -1.89 22.12
C PHE A 474 -3.35 -3.21 21.35
N GLN A 475 -2.19 -3.87 21.45
CA GLN A 475 -2.02 -5.18 20.83
C GLN A 475 -3.06 -6.18 21.33
N GLN A 476 -3.32 -6.16 22.64
CA GLN A 476 -4.38 -7.01 23.21
C GLN A 476 -5.77 -6.76 22.58
N LEU A 478 -6.38 -5.60 19.56
CA LEU A 478 -6.34 -6.16 18.21
C LEU A 478 -6.53 -7.66 18.18
N LEU A 479 -5.89 -8.37 19.10
CA LEU A 479 -6.13 -9.82 19.25
C LEU A 479 -7.60 -10.10 19.55
N LYS A 480 -8.23 -9.33 20.43
CA LYS A 480 -9.67 -9.54 20.73
C LYS A 480 -10.57 -9.20 19.53
N LEU A 481 -10.07 -8.36 18.64
CA LEU A 481 -10.82 -7.98 17.45
C LEU A 481 -10.54 -8.91 16.29
N CYS A 482 -9.75 -9.95 16.52
CA CYS A 482 -9.68 -11.04 15.56
C CYS A 482 -9.89 -12.39 16.22
N GLY A 483 -10.83 -12.42 17.15
CA GLY A 483 -11.33 -13.67 17.74
C GLY A 483 -10.39 -14.31 18.73
N ASN A 484 -9.39 -13.56 19.19
CA ASN A 484 -8.40 -14.10 20.14
C ASN A 484 -8.45 -13.35 21.46
#